data_8U5P
#
_entry.id   8U5P
#
_cell.length_a   37.212
_cell.length_b   183.720
_cell.length_c   108.241
_cell.angle_alpha   90.000
_cell.angle_beta   90.000
_cell.angle_gamma   90.000
#
_symmetry.space_group_name_H-M   'C 2 2 21'
#
loop_
_entity.id
_entity.type
_entity.pdbx_description
1 polymer 'Mango II'
2 non-polymer 'POTASSIUM ION'
3 non-polymer 3-[2,16-dioxo-20-(2-oxohexahydro-1H-thieno[3,4-d]imidazol-4-yl)-6,9,12-trioxa-3,15-diazaicosan-1-yl]-2-{(E)-[6-(4-methoxyphenyl)-1-methylquinolin-4(1H)-ylidene]methyl}-1,3-benzothiazol-3-ium
4 water water
#
_entity_poly.entity_id   1
_entity_poly.type   'polyribonucleotide'
_entity_poly.pdbx_seq_one_letter_code
;GCGUACGAAGGAGAGGAGAGGAAGAGGAGAGUACGC
;
_entity_poly.pdbx_strand_id   A,B,C
#
loop_
_chem_comp.id
_chem_comp.type
_chem_comp.name
_chem_comp.formula
A RNA linking ADENOSINE-5'-MONOPHOSPHATE 'C10 H14 N5 O7 P'
C RNA linking CYTIDINE-5'-MONOPHOSPHATE 'C9 H14 N3 O8 P'
G RNA linking GUANOSINE-5'-MONOPHOSPHATE 'C10 H14 N5 O8 P'
K non-polymer 'POTASSIUM ION' 'K 1'
U RNA linking URIDINE-5'-MONOPHOSPHATE 'C9 H13 N2 O9 P'
VKI non-polymer 3-[2,16-dioxo-20-(2-oxohexahydro-1H-thieno[3,4-d]imidazol-4-yl)-6,9,12-trioxa-3,15-diazaicosan-1-yl]-2-{(E)-[6-(4-methoxyphenyl)-1-methylquinolin-4(1H)-ylidene]methyl}-1,3-benzothiazol-3-ium 'C45 H55 N6 O7 S2 1'
#
# COMPACT_ATOMS: atom_id res chain seq x y z
K K D . 2.90 5.74 -2.43
K K E . 2.36 7.88 -5.06
K K F . 1.80 9.85 -7.67
C10 VKI G . 2.21 -1.93 -1.35
C13 VKI G . 4.61 -0.53 -0.63
C15 VKI G . 5.88 0.25 -0.23
C17 VKI G . 6.82 2.13 1.20
C20 VKI G . 8.93 3.33 1.97
C22 VKI G . 10.17 3.89 2.37
C24 VKI G . 9.02 5.99 2.90
C26 VKI G . 5.20 4.04 1.59
C01 VKI G . 0.77 -0.54 0.31
C02 VKI G . -0.31 -1.37 0.07
C03 VKI G . -1.52 -1.07 0.65
C04 VKI G . -1.67 0.08 1.45
C05 VKI G . -0.59 0.91 1.68
C06 VKI G . 0.64 0.61 1.11
C08 VKI G . -3.95 -0.06 1.22
C09 VKI G . 2.15 -0.91 -0.36
C11 VKI G . 3.48 -2.26 -1.97
C12 VKI G . 4.68 -1.56 -1.60
C14 VKI G . 3.34 -0.18 0.01
C16 VKI G . 5.75 1.19 0.70
C19 VKI G . 7.76 4.10 2.04
C23 VKI G . 10.21 5.21 2.83
C25 VKI G . 7.80 5.43 2.50
C27 VKI G . 4.52 4.03 3.01
C57 VKI G . 7.16 -0.08 -0.85
C58 VKI G . 7.23 -1.17 -1.89
C60 VKI G . 6.06 -3.00 -3.30
N18 VKI G . 6.53 3.45 1.61
N29 VKI G . 3.34 3.18 3.22
N59 VKI G . 6.01 -1.90 -2.27
O07 VKI G . -2.90 0.36 2.02
O28 VKI G . 4.95 4.71 3.89
S21 VKI G . 8.49 1.85 1.39
K K H . -22.30 -8.15 -6.70
K K I . -22.04 -6.74 -10.01
K K J . -22.47 -9.42 -3.57
K K K . -22.57 -10.97 -0.35
K K L . -22.70 -12.38 2.70
K K M . -37.76 -13.98 7.80
#